data_4XH6
#
_entry.id   4XH6
#
_cell.length_a   97.999
_cell.length_b   97.999
_cell.length_c   80.599
_cell.angle_alpha   90.00
_cell.angle_beta   90.00
_cell.angle_gamma   120.00
#
_symmetry.space_group_name_H-M   'P 65'
#
loop_
_entity.id
_entity.type
_entity.pdbx_description
1 polymer 'Serine/threonine-protein kinase pim-1'
2 non-polymer 5,7-dihydroxy-2-(4-hydroxyphenyl)-6-methoxy-4H-chromen-4-one
3 water water
#
_entity_poly.entity_id   1
_entity_poly.type   'polypeptide(L)'
_entity_poly.pdbx_seq_one_letter_code
;MKEKEPLESQYQVGPLLGSGGFGSVYSGIRVSDNLPVAIKHVEKDRISDWGELPNGTRVPMEVVLLKKVSSGFSGVIRLL
DWFERPDSFVLILERPEPVQDLFDFITERGALQEELARSFFWQVLEAVRHCHNCGVLHRDIKDENILIDLNRGELKLIDF
GSGALLKDTVYTDFDGTRVYSPPEWIRYHRYHGRSAAVWSLGILLYDMVCGDIPFEHDEEIIRGQVFFRQRVSSECQHLI
RWCLALRPSDRPTFEEIQNHPWMQDVLLPQETAEIHLHSLSPGPSKVDHHHHHH
;
_entity_poly.pdbx_strand_id   A
#
loop_
_chem_comp.id
_chem_comp.type
_chem_comp.name
_chem_comp.formula
HUL non-polymer 5,7-dihydroxy-2-(4-hydroxyphenyl)-6-methoxy-4H-chromen-4-one 'C16 H12 O6'
#
# COMPACT_ATOMS: atom_id res chain seq x y z
N PRO A 6 5.36 -24.16 16.77
CA PRO A 6 6.80 -23.96 16.89
C PRO A 6 7.40 -23.31 15.64
N LEU A 7 7.45 -21.98 15.63
CA LEU A 7 7.99 -21.19 14.52
C LEU A 7 9.34 -21.70 14.02
N GLU A 8 10.29 -21.79 14.96
CA GLU A 8 11.69 -22.18 14.69
C GLU A 8 11.82 -23.43 13.82
N SER A 9 10.90 -24.37 14.02
CA SER A 9 10.85 -25.61 13.26
C SER A 9 10.37 -25.43 11.81
N GLN A 10 9.19 -24.84 11.66
CA GLN A 10 8.45 -24.85 10.38
C GLN A 10 9.11 -24.02 9.27
N TYR A 11 9.87 -23.01 9.66
CA TYR A 11 10.46 -22.08 8.70
C TYR A 11 11.96 -22.01 8.85
N GLN A 12 12.65 -21.93 7.72
CA GLN A 12 14.07 -21.67 7.69
C GLN A 12 14.27 -20.19 7.37
N VAL A 13 14.95 -19.46 8.24
CA VAL A 13 15.10 -18.02 8.08
C VAL A 13 16.32 -17.70 7.22
N GLY A 14 16.20 -16.66 6.39
CA GLY A 14 17.27 -16.20 5.52
C GLY A 14 17.66 -14.78 5.86
N PRO A 15 18.18 -14.02 4.88
CA PRO A 15 18.62 -12.64 5.08
C PRO A 15 17.53 -11.71 5.55
N LEU A 16 17.92 -10.71 6.35
CA LEU A 16 17.04 -9.64 6.73
C LEU A 16 16.71 -8.78 5.51
N LEU A 17 15.42 -8.63 5.18
CA LEU A 17 15.01 -7.84 4.01
C LEU A 17 14.97 -6.36 4.34
N GLY A 18 14.52 -6.04 5.54
CA GLY A 18 14.41 -4.65 5.94
C GLY A 18 13.97 -4.53 7.38
N SER A 19 14.14 -3.35 7.94
CA SER A 19 13.60 -3.04 9.24
C SER A 19 13.23 -1.57 9.29
N GLY A 20 12.33 -1.23 10.19
CA GLY A 20 11.94 0.17 10.38
C GLY A 20 10.71 0.29 11.27
N GLY A 21 9.87 1.28 10.99
CA GLY A 21 8.63 1.50 11.76
C GLY A 21 7.68 0.30 11.83
N PHE A 22 7.81 -0.61 10.86
CA PHE A 22 7.02 -1.84 10.78
C PHE A 22 7.60 -3.04 11.57
N GLY A 23 8.85 -2.93 12.06
CA GLY A 23 9.56 -4.07 12.68
C GLY A 23 10.76 -4.54 11.86
N SER A 24 11.01 -5.85 11.82
CA SER A 24 12.11 -6.44 11.06
C SER A 24 11.56 -7.55 10.22
N VAL A 25 11.84 -7.56 8.92
CA VAL A 25 11.31 -8.59 8.02
C VAL A 25 12.43 -9.38 7.38
N TYR A 26 12.31 -10.70 7.41
CA TYR A 26 13.30 -11.61 6.86
C TYR A 26 12.75 -12.44 5.72
N SER A 27 13.65 -12.82 4.81
CA SER A 27 13.36 -13.81 3.79
C SER A 27 13.40 -15.13 4.49
N GLY A 28 12.52 -16.04 4.09
CA GLY A 28 12.47 -17.36 4.68
C GLY A 28 11.89 -18.34 3.69
N ILE A 29 11.91 -19.63 4.05
CA ILE A 29 11.25 -20.64 3.25
C ILE A 29 10.54 -21.59 4.20
N ARG A 30 9.32 -21.97 3.85
CA ARG A 30 8.58 -22.92 4.65
C ARG A 30 9.19 -24.28 4.36
N VAL A 31 9.65 -24.95 5.43
CA VAL A 31 10.39 -26.20 5.31
C VAL A 31 9.55 -27.27 4.63
N SER A 32 8.31 -27.43 5.07
CA SER A 32 7.43 -28.45 4.53
C SER A 32 7.42 -28.55 3.01
N ASP A 33 7.37 -27.42 2.31
CA ASP A 33 7.26 -27.45 0.85
C ASP A 33 8.10 -26.41 0.12
N ASN A 34 9.15 -25.92 0.75
CA ASN A 34 10.00 -24.88 0.15
C ASN A 34 9.29 -23.60 -0.31
N LEU A 35 8.12 -23.28 0.22
CA LEU A 35 7.42 -22.08 -0.24
C LEU A 35 8.17 -20.83 0.19
N PRO A 36 8.45 -19.92 -0.75
CA PRO A 36 9.05 -18.65 -0.32
C PRO A 36 8.13 -17.86 0.64
N VAL A 37 8.71 -17.30 1.70
CA VAL A 37 7.94 -16.56 2.70
C VAL A 37 8.71 -15.34 3.19
N ALA A 38 7.97 -14.42 3.81
CA ALA A 38 8.56 -13.28 4.47
C ALA A 38 8.16 -13.42 5.92
N ILE A 39 9.08 -13.11 6.82
CA ILE A 39 8.91 -13.37 8.22
C ILE A 39 9.09 -12.07 8.94
N LYS A 40 7.99 -11.54 9.45
CA LYS A 40 7.96 -10.20 10.03
C LYS A 40 7.82 -10.24 11.54
N HIS A 41 8.74 -9.59 12.23
CA HIS A 41 8.76 -9.57 13.69
C HIS A 41 8.34 -8.20 14.13
N VAL A 42 7.35 -8.13 15.01
CA VAL A 42 6.98 -6.84 15.58
C VAL A 42 6.97 -6.93 17.12
N GLU A 43 7.76 -6.05 17.76
CA GLU A 43 7.88 -6.04 19.22
C GLU A 43 6.56 -5.54 19.83
N LYS A 44 6.15 -6.22 20.90
CA LYS A 44 4.87 -5.96 21.53
C LYS A 44 4.79 -4.56 22.07
N ASP A 45 5.83 -4.14 22.78
CA ASP A 45 5.82 -2.80 23.37
C ASP A 45 5.76 -1.69 22.34
N ARG A 46 5.95 -2.00 21.06
CA ARG A 46 5.81 -1.00 19.99
C ARG A 46 4.49 -1.11 19.23
N ILE A 47 3.55 -1.92 19.72
CA ILE A 47 2.23 -2.01 19.09
C ILE A 47 1.20 -1.16 19.85
N SER A 48 0.72 -0.10 19.20
CA SER A 48 -0.29 0.79 19.80
C SER A 48 -1.70 0.30 19.55
N ASP A 49 -1.94 -0.23 18.35
CA ASP A 49 -3.28 -0.61 17.94
C ASP A 49 -3.52 -2.12 18.05
N TRP A 50 -4.43 -2.48 18.93
CA TRP A 50 -4.75 -3.88 19.18
C TRP A 50 -6.17 -4.15 18.77
N GLY A 51 -6.45 -5.42 18.51
CA GLY A 51 -7.79 -5.86 18.18
C GLY A 51 -8.01 -7.26 18.71
N GLU A 52 -9.05 -7.91 18.18
CA GLU A 52 -9.44 -9.21 18.65
C GLU A 52 -9.88 -10.06 17.46
N LEU A 53 -9.44 -11.31 17.43
CA LEU A 53 -9.91 -12.24 16.41
C LEU A 53 -11.38 -12.56 16.64
N PRO A 54 -12.07 -13.13 15.63
CA PRO A 54 -13.43 -13.57 15.94
C PRO A 54 -13.42 -14.44 17.19
N ASN A 55 -12.50 -15.41 17.22
CA ASN A 55 -12.20 -16.21 18.41
C ASN A 55 -12.08 -15.40 19.71
N GLY A 56 -11.56 -14.19 19.63
CA GLY A 56 -11.49 -13.30 20.79
C GLY A 56 -10.17 -13.41 21.52
N THR A 57 -9.07 -13.26 20.78
CA THR A 57 -7.70 -13.29 21.31
C THR A 57 -7.04 -11.93 21.04
N ARG A 58 -6.30 -11.40 22.01
CA ARG A 58 -5.68 -10.07 21.86
C ARG A 58 -4.48 -10.14 20.90
N VAL A 59 -4.65 -9.58 19.70
CA VAL A 59 -3.59 -9.57 18.68
C VAL A 59 -3.41 -8.14 18.14
N PRO A 60 -2.30 -7.88 17.43
CA PRO A 60 -2.18 -6.58 16.79
C PRO A 60 -3.27 -6.38 15.76
N MET A 61 -3.80 -5.17 15.67
CA MET A 61 -4.77 -4.84 14.61
C MET A 61 -4.29 -5.33 13.26
N GLU A 62 -3.01 -5.16 13.01
CA GLU A 62 -2.40 -5.59 11.75
C GLU A 62 -2.79 -7.02 11.39
N VAL A 63 -2.80 -7.91 12.38
CA VAL A 63 -3.20 -9.32 12.16
C VAL A 63 -4.70 -9.44 11.85
N VAL A 64 -5.52 -8.70 12.58
CA VAL A 64 -6.97 -8.66 12.30
C VAL A 64 -7.20 -8.22 10.85
N LEU A 65 -6.56 -7.11 10.47
CA LEU A 65 -6.75 -6.56 9.12
C LEU A 65 -6.26 -7.54 8.08
N LEU A 66 -5.10 -8.14 8.29
CA LEU A 66 -4.55 -9.08 7.30
C LEU A 66 -5.45 -10.28 7.13
N LYS A 67 -6.05 -10.75 8.21
CA LYS A 67 -6.95 -11.89 8.11
C LYS A 67 -8.18 -11.52 7.30
N LYS A 68 -8.67 -10.31 7.51
CA LYS A 68 -9.85 -9.85 6.78
C LYS A 68 -9.59 -9.77 5.29
N VAL A 69 -8.39 -9.36 4.89
CA VAL A 69 -8.12 -9.22 3.44
C VAL A 69 -7.45 -10.41 2.80
N SER A 70 -6.97 -11.35 3.62
CA SER A 70 -6.07 -12.37 3.11
C SER A 70 -6.84 -13.56 2.59
N SER A 71 -8.16 -13.39 2.47
CA SER A 71 -8.99 -14.43 1.91
C SER A 71 -8.97 -14.30 0.38
N GLY A 72 -8.68 -15.40 -0.29
CA GLY A 72 -8.63 -15.45 -1.73
C GLY A 72 -7.30 -14.96 -2.29
N PHE A 73 -7.32 -14.74 -3.61
CA PHE A 73 -6.18 -14.19 -4.36
C PHE A 73 -6.27 -12.67 -4.39
N SER A 74 -5.12 -12.01 -4.53
CA SER A 74 -5.16 -10.59 -4.76
C SER A 74 -3.83 -9.87 -5.02
N GLY A 75 -4.01 -8.57 -5.23
CA GLY A 75 -2.97 -7.61 -5.12
C GLY A 75 -2.76 -7.21 -3.69
N VAL A 76 -3.06 -8.09 -2.74
CA VAL A 76 -2.73 -7.86 -1.35
C VAL A 76 -1.89 -9.03 -0.84
N ILE A 77 -0.82 -8.71 -0.16
CA ILE A 77 0.02 -9.70 0.50
C ILE A 77 -0.85 -10.60 1.39
N ARG A 78 -0.57 -11.88 1.37
CA ARG A 78 -1.37 -12.83 2.11
C ARG A 78 -0.64 -13.28 3.37
N LEU A 79 -1.29 -13.16 4.52
CA LEU A 79 -0.81 -13.71 5.77
C LEU A 79 -1.03 -15.22 5.77
N LEU A 80 0.02 -16.00 5.89
CA LEU A 80 -0.06 -17.47 5.94
C LEU A 80 -0.19 -18.01 7.35
N ASP A 81 0.39 -17.33 8.31
CA ASP A 81 0.34 -17.80 9.68
C ASP A 81 0.92 -16.73 10.54
N TRP A 82 0.69 -16.83 11.83
CA TRP A 82 1.32 -15.96 12.79
C TRP A 82 1.55 -16.73 14.09
N PHE A 83 2.43 -16.19 14.92
CA PHE A 83 2.83 -16.79 16.20
C PHE A 83 3.01 -15.68 17.21
N GLU A 84 2.72 -15.96 18.46
CA GLU A 84 3.01 -15.03 19.53
C GLU A 84 4.25 -15.50 20.30
N ARG A 85 5.08 -14.55 20.68
CA ARG A 85 6.23 -14.80 21.54
C ARG A 85 6.08 -13.91 22.74
N PRO A 86 6.90 -14.11 23.79
CA PRO A 86 6.71 -13.28 24.98
C PRO A 86 6.76 -11.78 24.73
N ASP A 87 7.68 -11.33 23.88
CA ASP A 87 7.83 -9.91 23.65
C ASP A 87 7.49 -9.46 22.23
N SER A 88 7.01 -10.36 21.39
CA SER A 88 6.76 -10.03 20.00
C SER A 88 5.70 -10.92 19.34
N PHE A 89 5.19 -10.44 18.23
CA PHE A 89 4.43 -11.29 17.30
C PHE A 89 5.23 -11.52 16.06
N VAL A 90 5.13 -12.71 15.52
CA VAL A 90 5.80 -13.07 14.31
C VAL A 90 4.75 -13.39 13.23
N LEU A 91 4.85 -12.74 12.09
CA LEU A 91 3.89 -12.93 10.98
C LEU A 91 4.57 -13.60 9.81
N ILE A 92 3.90 -14.59 9.22
CA ILE A 92 4.44 -15.29 8.07
C ILE A 92 3.60 -14.90 6.89
N LEU A 93 4.25 -14.36 5.86
CA LEU A 93 3.57 -13.75 4.75
C LEU A 93 4.10 -14.38 3.49
N GLU A 94 3.30 -14.34 2.43
CA GLU A 94 3.75 -14.87 1.15
C GLU A 94 4.90 -13.98 0.65
N ARG A 95 5.78 -14.55 -0.15
CA ARG A 95 6.89 -13.80 -0.70
C ARG A 95 7.04 -14.15 -2.17
N PRO A 96 6.68 -13.22 -3.05
CA PRO A 96 6.94 -13.33 -4.48
C PRO A 96 8.42 -13.25 -4.79
N GLU A 97 8.83 -13.94 -5.85
CA GLU A 97 10.23 -14.00 -6.27
C GLU A 97 10.33 -14.11 -7.77
N PRO A 98 11.11 -13.27 -8.44
CA PRO A 98 11.79 -12.11 -7.87
C PRO A 98 10.86 -10.89 -7.66
N VAL A 99 11.25 -10.01 -6.76
CA VAL A 99 10.43 -8.89 -6.36
C VAL A 99 11.25 -7.62 -6.17
N GLN A 100 10.61 -6.47 -6.35
CA GLN A 100 11.19 -5.17 -6.04
C GLN A 100 10.05 -4.25 -5.65
N ASP A 101 10.28 -3.43 -4.63
CA ASP A 101 9.29 -2.50 -4.18
C ASP A 101 9.27 -1.30 -5.11
N LEU A 102 8.13 -0.62 -5.13
CA LEU A 102 7.92 0.41 -6.12
C LEU A 102 8.80 1.63 -5.87
N PHE A 103 9.15 1.86 -4.61
CA PHE A 103 10.10 2.93 -4.28
C PHE A 103 11.45 2.69 -4.97
N ASP A 104 12.00 1.49 -4.82
CA ASP A 104 13.30 1.18 -5.43
C ASP A 104 13.20 1.17 -6.94
N PHE A 105 12.08 0.69 -7.45
CA PHE A 105 11.88 0.61 -8.88
C PHE A 105 11.89 2.02 -9.47
N ILE A 106 11.31 2.97 -8.75
CA ILE A 106 11.25 4.35 -9.22
C ILE A 106 12.60 5.05 -9.05
N THR A 107 13.29 4.77 -7.96
CA THR A 107 14.67 5.20 -7.79
C THR A 107 15.51 4.76 -8.99
N GLU A 108 15.40 3.50 -9.38
CA GLU A 108 16.25 3.01 -10.47
C GLU A 108 15.85 3.52 -11.84
N ARG A 109 14.56 3.64 -12.10
CA ARG A 109 14.14 3.89 -13.45
C ARG A 109 13.61 5.30 -13.68
N GLY A 110 13.53 6.10 -12.62
CA GLY A 110 12.99 7.46 -12.75
C GLY A 110 11.49 7.43 -13.01
N ALA A 111 10.97 8.58 -13.46
CA ALA A 111 9.55 8.72 -13.82
C ALA A 111 9.11 7.62 -14.79
N LEU A 112 7.96 7.02 -14.55
CA LEU A 112 7.49 5.89 -15.37
C LEU A 112 6.73 6.37 -16.57
N GLN A 113 6.92 5.69 -17.70
CA GLN A 113 6.04 5.85 -18.86
C GLN A 113 4.59 5.73 -18.43
N GLU A 114 3.72 6.49 -19.09
CA GLU A 114 2.33 6.53 -18.67
C GLU A 114 1.64 5.19 -18.80
N GLU A 115 1.98 4.41 -19.83
CA GLU A 115 1.41 3.10 -20.02
C GLU A 115 1.68 2.21 -18.80
N LEU A 116 2.90 2.32 -18.29
CA LEU A 116 3.30 1.53 -17.15
C LEU A 116 2.69 2.05 -15.86
N ALA A 117 2.68 3.36 -15.69
CA ALA A 117 2.01 3.98 -14.54
C ALA A 117 0.50 3.63 -14.53
N ARG A 118 -0.12 3.62 -15.70
CA ARG A 118 -1.54 3.23 -15.81
C ARG A 118 -1.76 1.82 -15.31
N SER A 119 -0.93 0.89 -15.77
CA SER A 119 -1.05 -0.50 -15.36
C SER A 119 -0.84 -0.67 -13.87
N PHE A 120 0.22 -0.05 -13.35
CA PHE A 120 0.50 -0.11 -11.92
C PHE A 120 -0.61 0.52 -11.10
N PHE A 121 -1.03 1.72 -11.49
CA PHE A 121 -2.01 2.46 -10.73
C PHE A 121 -3.36 1.73 -10.69
N TRP A 122 -3.73 1.13 -11.80
CA TRP A 122 -4.95 0.33 -11.90
C TRP A 122 -4.91 -0.82 -10.92
N GLN A 123 -3.79 -1.54 -10.88
CA GLN A 123 -3.65 -2.65 -9.93
C GLN A 123 -3.69 -2.20 -8.49
N VAL A 124 -3.12 -1.03 -8.19
CA VAL A 124 -3.22 -0.50 -6.84
C VAL A 124 -4.71 -0.22 -6.51
N LEU A 125 -5.41 0.41 -7.44
CA LEU A 125 -6.83 0.67 -7.24
C LEU A 125 -7.61 -0.63 -6.96
N GLU A 126 -7.36 -1.68 -7.74
CA GLU A 126 -8.04 -2.96 -7.53
C GLU A 126 -7.72 -3.53 -6.16
N ALA A 127 -6.46 -3.41 -5.71
CA ALA A 127 -6.07 -3.90 -4.39
C ALA A 127 -6.71 -3.11 -3.25
N VAL A 128 -6.76 -1.79 -3.41
CA VAL A 128 -7.35 -0.93 -2.41
C VAL A 128 -8.85 -1.19 -2.32
N ARG A 129 -9.51 -1.36 -3.48
CA ARG A 129 -10.94 -1.69 -3.47
C ARG A 129 -11.17 -2.99 -2.74
N HIS A 130 -10.31 -3.98 -2.96
CA HIS A 130 -10.44 -5.25 -2.28
C HIS A 130 -10.38 -5.05 -0.77
N CYS A 131 -9.43 -4.26 -0.31
CA CYS A 131 -9.32 -3.98 1.11
C CYS A 131 -10.61 -3.34 1.64
N HIS A 132 -11.10 -2.33 0.92
CA HIS A 132 -12.33 -1.66 1.33
C HIS A 132 -13.54 -2.57 1.33
N ASN A 133 -13.69 -3.39 0.29
CA ASN A 133 -14.71 -4.45 0.28
C ASN A 133 -14.62 -5.37 1.49
N CYS A 134 -13.41 -5.60 1.98
CA CYS A 134 -13.19 -6.48 3.12
C CYS A 134 -13.35 -5.78 4.45
N GLY A 135 -13.66 -4.49 4.43
CA GLY A 135 -13.81 -3.71 5.66
C GLY A 135 -12.50 -3.16 6.23
N VAL A 136 -11.47 -3.06 5.39
CA VAL A 136 -10.13 -2.63 5.85
C VAL A 136 -9.67 -1.36 5.11
N LEU A 137 -9.17 -0.42 5.89
CA LEU A 137 -8.58 0.80 5.37
C LEU A 137 -7.06 0.71 5.64
N HIS A 138 -6.25 0.82 4.59
CA HIS A 138 -4.81 0.64 4.73
C HIS A 138 -4.12 1.79 5.46
N ARG A 139 -4.45 3.02 5.06
CA ARG A 139 -3.95 4.24 5.65
C ARG A 139 -2.44 4.55 5.44
N ASP A 140 -1.76 3.81 4.59
CA ASP A 140 -0.36 4.11 4.31
C ASP A 140 0.01 3.68 2.89
N ILE A 141 -0.87 4.00 1.95
CA ILE A 141 -0.63 3.67 0.54
C ILE A 141 0.51 4.58 0.06
N LYS A 142 1.57 3.98 -0.47
CA LYS A 142 2.72 4.71 -1.00
C LYS A 142 3.64 3.70 -1.69
N ASP A 143 4.58 4.17 -2.50
CA ASP A 143 5.44 3.27 -3.27
C ASP A 143 6.23 2.25 -2.44
N GLU A 144 6.69 2.63 -1.26
CA GLU A 144 7.43 1.70 -0.38
C GLU A 144 6.56 0.53 0.09
N ASN A 145 5.23 0.71 0.07
CA ASN A 145 4.32 -0.33 0.52
C ASN A 145 3.68 -1.10 -0.62
N ILE A 146 4.32 -1.07 -1.77
CA ILE A 146 3.88 -1.82 -2.94
C ILE A 146 5.03 -2.67 -3.49
N LEU A 147 4.80 -3.96 -3.61
CA LEU A 147 5.76 -4.86 -4.21
C LEU A 147 5.38 -5.20 -5.63
N ILE A 148 6.37 -5.24 -6.49
CA ILE A 148 6.20 -5.68 -7.86
C ILE A 148 6.74 -7.10 -8.01
N ASP A 149 5.87 -8.02 -8.41
CA ASP A 149 6.26 -9.35 -8.87
C ASP A 149 6.75 -9.17 -10.32
N LEU A 150 8.06 -9.05 -10.45
CA LEU A 150 8.72 -8.70 -11.71
C LEU A 150 8.50 -9.69 -12.87
N ASN A 151 8.25 -10.96 -12.56
CA ASN A 151 7.92 -11.93 -13.62
C ASN A 151 6.46 -11.88 -14.08
N ARG A 152 5.52 -11.75 -13.15
CA ARG A 152 4.10 -11.73 -13.51
C ARG A 152 3.53 -10.31 -13.76
N GLY A 153 4.31 -9.29 -13.41
CA GLY A 153 3.88 -7.91 -13.59
C GLY A 153 2.75 -7.55 -12.63
N GLU A 154 2.67 -8.25 -11.49
CA GLU A 154 1.59 -8.10 -10.55
C GLU A 154 2.09 -7.38 -9.32
N LEU A 155 1.28 -6.41 -8.89
CA LEU A 155 1.59 -5.56 -7.75
C LEU A 155 0.89 -6.06 -6.51
N LYS A 156 1.54 -5.91 -5.36
CA LYS A 156 0.84 -6.19 -4.12
C LYS A 156 1.12 -5.26 -2.97
N LEU A 157 0.05 -4.94 -2.27
CA LEU A 157 0.02 -4.04 -1.16
C LEU A 157 0.56 -4.75 0.03
N ILE A 158 1.42 -4.11 0.80
CA ILE A 158 2.04 -4.82 1.92
C ILE A 158 1.72 -4.40 3.36
N ASP A 159 2.24 -3.32 3.88
CA ASP A 159 2.23 -3.13 5.33
C ASP A 159 0.94 -2.61 5.98
N PHE A 160 0.16 -3.46 6.65
CA PHE A 160 -1.07 -3.00 7.26
C PHE A 160 -0.89 -2.46 8.68
N GLY A 161 0.33 -2.14 9.02
CA GLY A 161 0.63 -1.69 10.36
C GLY A 161 0.04 -0.36 10.79
N SER A 162 -0.41 0.46 9.85
CA SER A 162 -1.04 1.74 10.21
C SER A 162 -2.52 1.73 9.87
N GLY A 163 -3.05 0.56 9.51
CA GLY A 163 -4.43 0.48 9.03
C GLY A 163 -5.50 0.46 10.12
N ALA A 164 -6.75 0.35 9.70
CA ALA A 164 -7.88 0.29 10.62
C ALA A 164 -9.06 -0.33 9.94
N LEU A 165 -10.04 -0.67 10.73
CA LEU A 165 -11.31 -1.11 10.23
C LEU A 165 -11.89 0.08 9.47
N LEU A 166 -12.47 -0.20 8.33
CA LEU A 166 -13.12 0.85 7.57
C LEU A 166 -14.40 1.23 8.29
N LYS A 167 -14.70 2.53 8.34
CA LYS A 167 -15.95 3.02 8.93
C LYS A 167 -16.34 4.29 8.18
N ASP A 168 -17.57 4.74 8.43
CA ASP A 168 -18.16 5.89 7.72
C ASP A 168 -18.12 7.17 8.50
N THR A 169 -17.67 7.07 9.75
CA THR A 169 -17.52 8.24 10.62
C THR A 169 -16.08 8.73 10.57
N VAL A 170 -15.81 9.84 11.25
CA VAL A 170 -14.52 10.52 11.12
C VAL A 170 -13.40 9.75 11.83
N TYR A 171 -12.19 9.81 11.27
CA TYR A 171 -11.00 9.32 11.94
C TYR A 171 -10.28 10.53 12.52
N THR A 172 -9.79 10.38 13.74
CA THR A 172 -9.04 11.44 14.39
C THR A 172 -7.67 10.97 14.82
N ASP A 173 -7.30 9.76 14.42
CA ASP A 173 -5.97 9.25 14.65
C ASP A 173 -5.35 8.94 13.29
N PHE A 174 -4.03 9.07 13.20
CA PHE A 174 -3.27 8.71 12.02
C PHE A 174 -1.82 8.46 12.37
N ASP A 175 -1.25 7.38 11.88
CA ASP A 175 0.16 7.10 12.06
C ASP A 175 0.73 6.54 10.76
N GLY A 176 0.22 7.02 9.63
CA GLY A 176 0.78 6.68 8.32
C GLY A 176 1.88 7.65 7.94
N THR A 177 2.10 7.82 6.64
CA THR A 177 3.15 8.68 6.15
C THR A 177 2.63 10.09 5.89
N ARG A 178 3.25 11.08 6.52
CA ARG A 178 2.68 12.44 6.56
C ARG A 178 2.55 13.11 5.19
N VAL A 179 3.61 13.00 4.39
CA VAL A 179 3.63 13.56 3.04
C VAL A 179 2.59 12.94 2.11
N TYR A 180 1.94 11.84 2.53
CA TYR A 180 0.83 11.24 1.78
C TYR A 180 -0.52 11.50 2.45
N SER A 181 -0.50 12.22 3.57
CA SER A 181 -1.69 12.51 4.36
C SER A 181 -2.38 13.76 3.80
N PRO A 182 -3.71 13.83 3.91
CA PRO A 182 -4.43 14.90 3.26
C PRO A 182 -4.47 16.20 4.06
N PRO A 183 -4.83 17.29 3.40
CA PRO A 183 -4.84 18.60 4.02
C PRO A 183 -5.76 18.69 5.25
N GLU A 184 -6.92 18.05 5.20
CA GLU A 184 -7.85 18.01 6.34
C GLU A 184 -7.21 17.36 7.58
N TRP A 185 -6.34 16.36 7.39
CA TRP A 185 -5.58 15.81 8.51
C TRP A 185 -4.59 16.83 9.04
N ILE A 186 -3.85 17.46 8.13
CA ILE A 186 -2.85 18.47 8.51
C ILE A 186 -3.52 19.62 9.28
N ARG A 187 -4.63 20.14 8.76
CA ARG A 187 -5.27 21.33 9.36
C ARG A 187 -6.10 21.00 10.58
N TYR A 188 -6.87 19.92 10.53
CA TYR A 188 -7.88 19.65 11.55
C TYR A 188 -7.73 18.34 12.31
N HIS A 189 -6.76 17.52 11.96
CA HIS A 189 -6.64 16.19 12.55
C HIS A 189 -7.93 15.39 12.40
N ARG A 190 -8.60 15.54 11.25
CA ARG A 190 -9.83 14.81 10.95
C ARG A 190 -9.83 14.41 9.48
N TYR A 191 -10.22 13.17 9.20
CA TYR A 191 -10.44 12.79 7.81
C TYR A 191 -11.45 11.69 7.79
N HIS A 192 -12.02 11.45 6.62
CA HIS A 192 -12.79 10.27 6.36
C HIS A 192 -11.96 9.30 5.53
N GLY A 193 -12.22 8.01 5.67
CA GLY A 193 -11.31 6.99 5.12
C GLY A 193 -11.11 6.98 3.62
N ARG A 194 -12.21 6.96 2.88
CA ARG A 194 -12.18 6.82 1.43
C ARG A 194 -11.52 7.99 0.76
N SER A 195 -11.91 9.19 1.18
CA SER A 195 -11.37 10.39 0.57
C SER A 195 -9.90 10.63 0.95
N ALA A 196 -9.48 10.23 2.15
CA ALA A 196 -8.06 10.28 2.49
C ALA A 196 -7.30 9.28 1.63
N ALA A 197 -7.90 8.11 1.37
CA ALA A 197 -7.21 7.10 0.57
C ALA A 197 -7.01 7.66 -0.84
N VAL A 198 -8.02 8.38 -1.35
CA VAL A 198 -7.99 8.91 -2.69
C VAL A 198 -6.91 9.97 -2.80
N TRP A 199 -6.77 10.81 -1.78
CA TRP A 199 -5.65 11.77 -1.76
C TRP A 199 -4.29 11.04 -1.85
N SER A 200 -4.08 10.01 -1.04
CA SER A 200 -2.80 9.27 -1.07
C SER A 200 -2.58 8.62 -2.46
N LEU A 201 -3.67 8.24 -3.12
CA LEU A 201 -3.59 7.70 -4.47
C LEU A 201 -3.17 8.79 -5.48
N GLY A 202 -3.66 10.00 -5.29
CA GLY A 202 -3.18 11.12 -6.10
C GLY A 202 -1.68 11.38 -5.93
N ILE A 203 -1.20 11.34 -4.69
CA ILE A 203 0.24 11.48 -4.40
C ILE A 203 1.04 10.36 -5.08
N LEU A 204 0.53 9.14 -4.95
CA LEU A 204 1.19 7.98 -5.56
C LEU A 204 1.27 8.10 -7.09
N LEU A 205 0.17 8.48 -7.73
CA LEU A 205 0.15 8.58 -9.18
C LEU A 205 1.15 9.65 -9.64
N TYR A 206 1.12 10.82 -9.00
CA TYR A 206 2.10 11.87 -9.27
C TYR A 206 3.51 11.30 -9.10
N ASP A 207 3.75 10.59 -8.02
CA ASP A 207 5.06 9.98 -7.75
C ASP A 207 5.52 9.07 -8.91
N MET A 208 4.60 8.27 -9.43
CA MET A 208 4.89 7.39 -10.53
C MET A 208 5.25 8.14 -11.79
N VAL A 209 4.44 9.11 -12.19
CA VAL A 209 4.68 9.77 -13.47
C VAL A 209 5.72 10.89 -13.42
N CYS A 210 6.03 11.39 -12.23
CA CYS A 210 7.04 12.44 -12.09
C CYS A 210 8.34 11.95 -11.45
N GLY A 211 8.33 10.76 -10.82
CA GLY A 211 9.52 10.20 -10.21
C GLY A 211 9.81 10.71 -8.81
N ASP A 212 8.89 11.50 -8.26
CA ASP A 212 9.00 12.01 -6.89
C ASP A 212 7.64 12.50 -6.46
N ILE A 213 7.46 12.60 -5.16
CA ILE A 213 6.22 13.09 -4.58
C ILE A 213 6.09 14.62 -4.79
N PRO A 214 4.84 15.12 -4.85
CA PRO A 214 4.65 16.52 -5.22
C PRO A 214 4.86 17.49 -4.04
N PHE A 215 4.60 17.04 -2.82
CA PHE A 215 4.66 17.92 -1.64
C PHE A 215 5.64 17.36 -0.62
N GLU A 216 6.45 18.25 -0.04
CA GLU A 216 7.32 17.89 1.08
C GLU A 216 6.83 18.47 2.40
N HIS A 217 6.35 19.71 2.38
CA HIS A 217 6.05 20.44 3.61
C HIS A 217 4.56 20.62 3.82
N ASP A 218 4.16 20.74 5.09
CA ASP A 218 2.77 20.93 5.48
C ASP A 218 2.07 22.01 4.70
N GLU A 219 2.74 23.13 4.50
CA GLU A 219 2.15 24.30 3.81
C GLU A 219 1.86 24.01 2.32
N GLU A 220 2.73 23.24 1.69
CA GLU A 220 2.48 22.80 0.32
C GLU A 220 1.25 21.89 0.29
N ILE A 221 1.14 20.98 1.26
CA ILE A 221 -0.01 20.07 1.33
C ILE A 221 -1.30 20.88 1.43
N ILE A 222 -1.35 21.82 2.36
CA ILE A 222 -2.61 22.53 2.53
C ILE A 222 -2.87 23.54 1.39
N ARG A 223 -1.83 24.04 0.74
CA ARG A 223 -2.03 24.89 -0.43
C ARG A 223 -2.54 24.04 -1.63
N GLY A 224 -2.05 22.81 -1.76
CA GLY A 224 -2.55 21.86 -2.77
C GLY A 224 -2.36 22.26 -4.23
N GLN A 225 -1.38 23.10 -4.50
CA GLN A 225 -1.10 23.54 -5.84
C GLN A 225 -0.14 22.51 -6.43
N VAL A 226 -0.49 21.92 -7.56
CA VAL A 226 0.33 20.87 -8.15
C VAL A 226 1.16 21.42 -9.28
N PHE A 227 2.48 21.31 -9.18
CA PHE A 227 3.39 21.66 -10.25
C PHE A 227 3.94 20.36 -10.84
N PHE A 228 3.86 20.22 -12.16
CA PHE A 228 4.40 19.08 -12.87
C PHE A 228 5.80 19.32 -13.37
N ARG A 229 6.72 18.50 -12.86
CA ARG A 229 8.14 18.62 -13.14
C ARG A 229 8.59 17.76 -14.33
N GLN A 230 7.75 16.83 -14.77
CA GLN A 230 7.99 16.05 -15.97
C GLN A 230 6.84 16.24 -16.93
N ARG A 231 7.09 15.90 -18.19
CA ARG A 231 6.08 15.93 -19.19
C ARG A 231 5.04 14.88 -18.82
N VAL A 232 3.81 15.30 -18.58
CA VAL A 232 2.71 14.40 -18.23
C VAL A 232 1.50 14.88 -19.06
N SER A 233 0.80 13.93 -19.67
CA SER A 233 -0.37 14.22 -20.48
C SER A 233 -1.43 14.96 -19.70
N SER A 234 -2.23 15.75 -20.39
CA SER A 234 -3.28 16.54 -19.74
C SER A 234 -4.29 15.67 -19.03
N GLU A 235 -4.60 14.51 -19.58
CA GLU A 235 -5.59 13.65 -18.96
C GLU A 235 -5.07 13.12 -17.65
N CYS A 236 -3.79 12.73 -17.61
CA CYS A 236 -3.17 12.26 -16.38
C CYS A 236 -3.06 13.38 -15.35
N GLN A 237 -2.68 14.58 -15.78
CA GLN A 237 -2.63 15.73 -14.87
C GLN A 237 -4.01 16.00 -14.26
N HIS A 238 -5.03 15.86 -15.08
CA HIS A 238 -6.38 16.10 -14.64
C HIS A 238 -6.82 15.10 -13.56
N LEU A 239 -6.56 13.80 -13.79
CA LEU A 239 -6.86 12.79 -12.78
C LEU A 239 -6.14 13.06 -11.45
N ILE A 240 -4.86 13.38 -11.56
CA ILE A 240 -4.06 13.66 -10.39
C ILE A 240 -4.63 14.85 -9.63
N ARG A 241 -4.92 15.94 -10.33
CA ARG A 241 -5.44 17.14 -9.67
C ARG A 241 -6.79 16.89 -9.06
N TRP A 242 -7.57 15.99 -9.67
CA TRP A 242 -8.87 15.60 -9.13
C TRP A 242 -8.72 14.83 -7.82
N CYS A 243 -7.80 13.86 -7.81
CA CYS A 243 -7.50 13.10 -6.59
C CYS A 243 -6.99 13.98 -5.44
N LEU A 244 -6.31 15.07 -5.83
CA LEU A 244 -5.74 16.00 -4.89
C LEU A 244 -6.62 17.25 -4.66
N ALA A 245 -7.92 17.14 -4.87
CA ALA A 245 -8.81 18.24 -4.54
C ALA A 245 -8.74 18.53 -3.05
N LEU A 246 -8.68 19.83 -2.74
CA LEU A 246 -8.56 20.27 -1.36
C LEU A 246 -9.78 19.87 -0.54
N ARG A 247 -10.98 20.04 -1.09
CA ARG A 247 -12.17 19.59 -0.38
C ARG A 247 -12.36 18.07 -0.55
N PRO A 248 -12.44 17.32 0.57
CA PRO A 248 -12.64 15.87 0.48
C PRO A 248 -13.76 15.46 -0.50
N SER A 249 -14.90 16.14 -0.42
CA SER A 249 -16.05 15.80 -1.26
C SER A 249 -15.86 16.12 -2.74
N ASP A 250 -14.86 16.93 -3.10
CA ASP A 250 -14.52 17.14 -4.53
C ASP A 250 -13.63 16.04 -5.14
N ARG A 251 -13.13 15.12 -4.31
CA ARG A 251 -12.29 14.00 -4.82
C ARG A 251 -13.16 12.91 -5.46
N PRO A 252 -12.61 12.23 -6.46
CA PRO A 252 -13.35 11.19 -7.13
C PRO A 252 -13.51 9.97 -6.25
N THR A 253 -14.55 9.20 -6.53
CA THR A 253 -14.72 7.87 -5.93
C THR A 253 -13.82 6.91 -6.71
N PHE A 254 -13.66 5.68 -6.22
CA PHE A 254 -12.84 4.68 -6.95
C PHE A 254 -13.44 4.42 -8.31
N GLU A 255 -14.78 4.33 -8.37
CA GLU A 255 -15.47 4.15 -9.64
C GLU A 255 -15.09 5.23 -10.64
N GLU A 256 -15.13 6.48 -10.19
CA GLU A 256 -14.80 7.63 -11.05
C GLU A 256 -13.34 7.62 -11.49
N ILE A 257 -12.44 7.23 -10.60
CA ILE A 257 -11.02 7.10 -11.00
C ILE A 257 -10.91 6.08 -12.13
N GLN A 258 -11.49 4.92 -11.94
CA GLN A 258 -11.32 3.83 -12.89
C GLN A 258 -12.11 4.04 -14.20
N ASN A 259 -13.07 4.94 -14.18
CA ASN A 259 -13.78 5.31 -15.39
C ASN A 259 -13.17 6.52 -16.05
N HIS A 260 -12.17 7.14 -15.40
CA HIS A 260 -11.48 8.27 -15.98
C HIS A 260 -10.84 7.92 -17.35
N PRO A 261 -10.86 8.86 -18.30
CA PRO A 261 -10.33 8.55 -19.64
C PRO A 261 -8.88 8.12 -19.63
N TRP A 262 -8.07 8.70 -18.75
CA TRP A 262 -6.69 8.26 -18.60
C TRP A 262 -6.55 6.79 -18.21
N MET A 263 -7.54 6.23 -17.50
CA MET A 263 -7.50 4.85 -17.04
C MET A 263 -7.98 3.76 -18.01
N GLN A 264 -8.36 4.15 -19.22
CA GLN A 264 -8.88 3.19 -20.20
C GLN A 264 -7.77 2.38 -20.89
N ASP A 265 -8.13 1.17 -21.30
CA ASP A 265 -7.25 0.25 -22.06
C ASP A 265 -5.98 -0.11 -21.30
N VAL A 266 -6.13 -0.45 -20.02
CA VAL A 266 -4.99 -0.86 -19.21
C VAL A 266 -4.36 -2.13 -19.80
N LEU A 267 -3.06 -2.24 -19.73
CA LEU A 267 -2.41 -3.49 -20.04
C LEU A 267 -2.74 -4.51 -18.96
N LEU A 268 -2.72 -5.79 -19.35
CA LEU A 268 -2.81 -6.90 -18.41
C LEU A 268 -1.48 -7.01 -17.67
N PRO A 269 -1.47 -7.63 -16.48
CA PRO A 269 -0.19 -7.72 -15.76
C PRO A 269 0.90 -8.41 -16.56
N GLN A 270 0.58 -9.52 -17.21
CA GLN A 270 1.63 -10.26 -17.93
C GLN A 270 2.20 -9.43 -19.10
N GLU A 271 1.35 -8.74 -19.84
CA GLU A 271 1.85 -7.89 -20.92
C GLU A 271 2.73 -6.82 -20.33
N THR A 272 2.34 -6.33 -19.15
CA THR A 272 3.09 -5.26 -18.48
C THR A 272 4.51 -5.75 -18.20
N ALA A 273 4.66 -6.97 -17.71
CA ALA A 273 6.00 -7.50 -17.43
C ALA A 273 6.79 -7.70 -18.74
N GLU A 274 6.14 -8.25 -19.76
CA GLU A 274 6.81 -8.49 -21.03
C GLU A 274 7.34 -7.19 -21.64
N ILE A 275 6.48 -6.18 -21.73
CA ILE A 275 6.86 -4.90 -22.32
C ILE A 275 7.83 -4.10 -21.47
N HIS A 276 7.61 -4.04 -20.16
CA HIS A 276 8.32 -3.09 -19.30
C HIS A 276 9.22 -3.66 -18.22
N LEU A 277 9.10 -4.94 -17.89
CA LEU A 277 9.89 -5.50 -16.78
C LEU A 277 10.90 -6.58 -17.16
N HIS A 278 10.72 -7.29 -18.26
CA HIS A 278 11.59 -8.42 -18.65
C HIS A 278 12.82 -7.96 -19.44
C1 HUL B . 5.15 -6.50 5.30
C2 HUL B . 5.30 -7.52 4.35
C3 HUL B . 6.45 -7.64 3.57
C4 HUL B . 7.46 -6.69 3.73
C5 HUL B . 7.32 -5.66 4.68
C6 HUL B . 6.17 -5.56 5.46
C7 HUL B . 2.81 -6.89 5.41
C8 HUL B . 6.58 -8.66 2.61
C9 HUL B . 7.69 -8.71 1.80
C10 HUL B . 8.67 -7.78 2.01
C11 HUL B . 9.76 -7.69 1.16
C12 HUL B . 10.04 -8.72 0.25
C13 HUL B . 11.13 -8.56 -0.60
C14 HUL B . 11.88 -7.37 -0.54
C15 HUL B . 11.59 -6.32 0.33
O21 HUL B . 4.02 -6.38 6.07
O19 HUL B . 4.33 -8.45 4.16
O20 HUL B . 5.98 -4.60 6.40
O17 HUL B . 8.58 -6.78 2.95
O18 HUL B . 5.73 -9.52 2.41
O22 HUL B . 12.93 -7.22 -1.38
C16 HUL B . 10.51 -6.49 1.19
#